data_6E8T
#
_entry.id   6E8T
#
_cell.length_a   91.945
_cell.length_b   91.945
_cell.length_c   161.691
_cell.angle_alpha   90.000
_cell.angle_beta   90.000
_cell.angle_gamma   120.000
#
_symmetry.space_group_name_H-M   'H 3'
#
loop_
_entity.id
_entity.type
_entity.pdbx_description
1 polymer 'RNA (35-MER)'
2 non-polymer 1-methyl-4-{[3-(2-oxopropyl)-1,3-benzothiazol-3-ium-2-yl]methyl}quinolin-1-ium
3 non-polymer 'POTASSIUM ION'
4 non-polymer 'SODIUM ION'
5 water water
#
_entity_poly.entity_id   1
_entity_poly.type   'polyribonucleotide'
_entity_poly.pdbx_seq_one_letter_code
;GUACGAAGGAAGGUUUGGUAUGUGGUAUAUUCGUAC
;
_entity_poly.pdbx_strand_id   D,C,B,A
#
loop_
_chem_comp.id
_chem_comp.type
_chem_comp.name
_chem_comp.formula
A RNA linking ADENOSINE-5'-MONOPHOSPHATE 'C10 H14 N5 O7 P'
C RNA linking CYTIDINE-5'-MONOPHOSPHATE 'C9 H14 N3 O8 P'
G RNA linking GUANOSINE-5'-MONOPHOSPHATE 'C10 H14 N5 O8 P'
HZG non-polymer 1-methyl-4-{[3-(2-oxopropyl)-1,3-benzothiazol-3-ium-2-yl]methyl}quinolin-1-ium 'C21 H20 N2 O S 2'
K non-polymer 'POTASSIUM ION' 'K 1'
NA non-polymer 'SODIUM ION' 'Na 1'
U RNA linking URIDINE-5'-MONOPHOSPHATE 'C9 H13 N2 O9 P'
#
# COMPACT_ATOMS: atom_id res chain seq x y z
C10 HZG E . 5.48 -18.00 12.68
C12 HZG E . 5.76 -19.29 10.68
C01 HZG E . 3.61 -12.14 13.82
C02 HZG E . 4.01 -12.08 15.31
C04 HZG E . 5.33 -12.74 15.78
C06 HZG E . 6.70 -13.17 13.79
C07 HZG E . 6.13 -14.60 13.67
C08 HZG E . 6.12 -15.64 12.81
C09 HZG E . 5.59 -16.79 13.38
C13 HZG E . 6.40 -16.91 10.79
C14 HZG E . 6.80 -17.05 9.43
C15 HZG E . 7.33 -15.96 8.78
C16 HZG E . 7.46 -14.75 9.47
C17 HZG E . 7.07 -14.61 10.80
C18 HZG E . 6.53 -15.72 11.47
C20 HZG E . 7.79 -10.84 13.82
C21 HZG E . 8.40 -9.58 13.78
C22 HZG E . 8.11 -8.62 14.75
C23 HZG E . 7.19 -8.92 15.77
C24 HZG E . 6.58 -10.15 15.80
C25 HZG E . 6.89 -11.12 14.81
N05 HZG E . 6.34 -12.37 14.78
N11 HZG E . 5.88 -18.04 11.41
O03 HZG E . 3.31 -11.48 16.09
S19 HZG E . 7.85 -12.27 12.85
K K F . 11.86 -14.05 13.34
C10 HZG G . -6.11 15.72 -14.35
C12 HZG G . -7.19 14.16 -15.82
C01 HZG G . -1.74 18.78 -9.00
C02 HZG G . -2.50 17.44 -9.08
C04 HZG G . -4.03 17.52 -9.11
C06 HZG G . -5.50 15.62 -9.30
C07 HZG G . -5.58 15.90 -10.81
C08 HZG G . -6.03 15.35 -11.94
C09 HZG G . -5.74 16.10 -13.06
C13 HZG G . -7.11 13.78 -13.42
C14 HZG G . -7.81 12.59 -13.69
C15 HZG G . -8.16 11.77 -12.64
C16 HZG G . -7.80 12.11 -11.34
C17 HZG G . -7.10 13.28 -11.08
C18 HZG G . -6.75 14.13 -12.14
C20 HZG G . -5.50 15.10 -6.78
C21 HZG G . -5.50 14.77 -5.41
C22 HZG G . -4.76 15.51 -4.48
C23 HZG G . -4.02 16.60 -4.91
C24 HZG G . -4.02 16.91 -6.26
C25 HZG G . -4.75 16.15 -7.21
N05 HZG G . -4.77 16.40 -8.53
N11 HZG G . -6.79 14.58 -14.50
O03 HZG G . -1.89 16.40 -9.14
S19 HZG G . -6.22 14.46 -8.24
K K H . -10.01 16.24 -7.77
NA NA I . -28.67 21.14 6.92
C10 HZG J . -0.98 6.43 -11.01
C12 HZG J . -2.03 5.32 -9.14
C01 HZG J . 4.90 12.97 -11.33
C02 HZG J . 3.60 12.24 -11.66
C04 HZG J . 3.68 10.75 -11.97
C06 HZG J . 2.01 9.17 -12.59
C07 HZG J . 1.84 8.70 -11.16
C08 HZG J . 0.89 7.89 -10.74
C09 HZG J . -0.02 7.27 -11.56
C13 HZG J . -0.13 6.82 -8.85
C14 HZG J . -0.18 6.58 -7.45
C15 HZG J . 0.73 7.20 -6.61
C16 HZG J . 1.70 8.05 -7.13
C17 HZG J . 1.75 8.28 -8.50
C18 HZG J . 0.82 7.65 -9.36
C20 HZG J . 1.97 9.67 -15.09
C21 HZG J . 1.88 9.88 -16.47
C22 HZG J . 2.68 10.87 -17.05
C23 HZG J . 3.56 11.61 -16.26
C24 HZG J . 3.63 11.39 -14.90
C25 HZG J . 2.82 10.40 -14.30
N05 HZG J . 2.82 10.12 -12.97
N11 HZG J . -1.03 6.22 -9.70
O03 HZG J . 2.57 12.85 -11.64
S19 HZG J . 1.19 8.58 -14.01
K K K . 3.39 4.76 -14.82
C10 HZG L . 1.00 -11.04 5.74
C12 HZG L . 2.50 -9.56 4.63
C01 HZG L . -3.02 -10.97 13.54
C02 HZG L . -2.53 -11.71 12.29
C04 HZG L . -3.04 -11.28 10.91
C06 HZG L . -2.12 -11.85 8.71
C07 HZG L . -1.39 -10.52 8.44
C08 HZG L . -0.45 -10.32 7.52
C09 HZG L . 0.02 -11.30 6.70
C13 HZG L . 1.03 -8.78 6.44
C14 HZG L . 1.57 -7.47 6.28
C15 HZG L . 1.10 -6.44 7.09
C16 HZG L . 0.12 -6.69 8.06
C17 HZG L . -0.40 -7.97 8.20
C18 HZG L . 0.07 -9.02 7.37
C20 HZG L . -3.12 -14.20 8.64
C21 HZG L . -3.62 -15.50 8.51
C22 HZG L . -4.40 -16.03 9.54
C23 HZG L . -4.65 -15.26 10.68
C24 HZG L . -4.15 -13.98 10.78
C25 HZG L . -3.36 -13.43 9.75
N05 HZG L . -2.82 -12.19 9.78
N11 HZG L . 1.49 -9.80 5.62
O03 HZG L . -1.78 -12.62 12.45
S19 HZG L . -2.15 -13.19 7.63
K K M . -4.44 -12.11 4.19
#